data_3S90
#
_entry.id   3S90
#
_cell.length_a   48.830
_cell.length_b   61.180
_cell.length_c   71.420
_cell.angle_alpha   83.27
_cell.angle_beta   79.05
_cell.angle_gamma   69.79
#
_symmetry.space_group_name_H-M   'P 1'
#
loop_
_entity.id
_entity.type
_entity.pdbx_description
1 polymer Vinculin
2 polymer Talin-1
3 water water
#
loop_
_entity_poly.entity_id
_entity_poly.type
_entity_poly.pdbx_seq_one_letter_code
_entity_poly.pdbx_strand_id
1 'polypeptide(L)'
;MMPVFHTRTIESILEPVAQQISHLVIMHEEGEVDGKAIPDLTAPVAAVQAAVSNLVRVGKETVQTTEDQILKRDMPPAFI
KVENACTKLVQAAQMLQSDPYSVPARDYLIDGSRGILSGTSDLLLTFDEAEVRKIIRVCKGILEYLTVAEVVETMEDLVT
YTKNLGPGMTKMAKMIDERQQELTHQEHRVMLVNSMNTVKELLPVLISAMKIFVTTKNSKNQGIEEALKNRNFTVEKMSA
EINEIIRVLQLTS
;
A,B
2 'polypeptide(L)' GPLGSASARTANPTAKRQFVQSAKEVANSTANLVKTIKAL C,D
#
# COMPACT_ATOMS: atom_id res chain seq x y z
N VAL A 4 19.30 -11.20 23.39
CA VAL A 4 18.36 -11.18 24.53
C VAL A 4 16.95 -10.77 24.04
N PHE A 5 16.85 -9.65 23.30
CA PHE A 5 15.58 -9.14 22.76
C PHE A 5 15.14 -9.97 21.53
N HIS A 6 13.82 -10.19 21.36
CA HIS A 6 13.24 -11.04 20.31
C HIS A 6 13.23 -10.43 18.89
N THR A 7 13.55 -9.14 18.76
CA THR A 7 13.52 -8.43 17.48
C THR A 7 14.85 -7.70 17.26
N ARG A 8 15.33 -7.65 15.99
CA ARG A 8 16.60 -7.00 15.62
C ARG A 8 16.55 -5.49 15.93
N THR A 9 15.41 -4.85 15.66
CA THR A 9 15.19 -3.42 15.90
C THR A 9 15.25 -3.11 17.41
N ILE A 10 14.50 -3.87 18.24
CA ILE A 10 14.46 -3.71 19.70
C ILE A 10 15.87 -3.94 20.28
N GLU A 11 16.56 -5.00 19.81
CA GLU A 11 17.92 -5.32 20.26
C GLU A 11 18.89 -4.18 19.94
N SER A 12 18.87 -3.66 18.71
CA SER A 12 19.78 -2.58 18.28
C SER A 12 19.55 -1.28 19.07
N ILE A 13 18.30 -1.01 19.49
CA ILE A 13 17.95 0.19 20.24
C ILE A 13 18.34 0.05 21.72
N LEU A 14 17.90 -1.03 22.38
CA LEU A 14 18.03 -1.19 23.82
C LEU A 14 19.31 -1.83 24.33
N GLU A 15 19.88 -2.82 23.64
CA GLU A 15 21.03 -3.55 24.16
C GLU A 15 22.21 -2.66 24.59
N PRO A 16 22.77 -1.69 23.80
CA PRO A 16 23.93 -0.93 24.30
C PRO A 16 23.59 -0.03 25.49
N VAL A 17 22.40 0.59 25.54
CA VAL A 17 22.00 1.44 26.68
C VAL A 17 21.72 0.57 27.93
N ALA A 18 21.14 -0.65 27.76
CA ALA A 18 20.89 -1.57 28.88
C ALA A 18 22.19 -2.00 29.54
N GLN A 19 23.21 -2.31 28.72
CA GLN A 19 24.53 -2.75 29.18
C GLN A 19 25.24 -1.61 29.92
N GLN A 20 25.13 -0.36 29.42
CA GLN A 20 25.73 0.81 30.06
C GLN A 20 25.09 1.10 31.43
N ILE A 21 23.76 0.92 31.53
CA ILE A 21 23.02 1.13 32.77
C ILE A 21 23.36 0.03 33.76
N SER A 22 23.37 -1.25 33.30
CA SER A 22 23.72 -2.38 34.17
C SER A 22 25.12 -2.15 34.82
N HIS A 23 26.09 -1.66 34.03
CA HIS A 23 27.44 -1.33 34.48
C HIS A 23 27.41 -0.19 35.53
N LEU A 24 26.61 0.87 35.29
CA LEU A 24 26.44 2.00 36.21
C LEU A 24 25.78 1.52 37.51
N VAL A 25 24.75 0.65 37.40
CA VAL A 25 24.04 0.11 38.58
C VAL A 25 25.04 -0.64 39.46
N ILE A 26 25.91 -1.48 38.83
CA ILE A 26 26.94 -2.25 39.54
C ILE A 26 27.88 -1.28 40.31
N MET A 27 28.35 -0.22 39.64
CA MET A 27 29.25 0.75 40.27
C MET A 27 28.56 1.46 41.41
N HIS A 28 27.25 1.78 41.24
CA HIS A 28 26.49 2.46 42.27
C HIS A 28 26.32 1.58 43.53
N GLU A 29 25.96 0.30 43.36
CA GLU A 29 25.76 -0.60 44.50
C GLU A 29 27.07 -0.98 45.18
N GLU A 30 28.21 -0.87 44.45
CA GLU A 30 29.53 -1.14 45.00
C GLU A 30 30.09 0.07 45.77
N GLY A 31 29.42 1.23 45.67
CA GLY A 31 29.78 2.45 46.39
C GLY A 31 30.67 3.43 45.66
N GLU A 32 31.00 3.11 44.39
CA GLU A 32 31.93 3.87 43.53
C GLU A 32 31.37 5.20 43.03
N VAL A 33 30.08 5.26 42.77
CA VAL A 33 29.47 6.48 42.23
C VAL A 33 29.41 7.59 43.31
N ASP A 34 29.10 7.22 44.57
CA ASP A 34 28.92 8.05 45.76
C ASP A 34 29.86 9.26 45.91
N GLY A 35 31.15 9.06 45.77
CA GLY A 35 32.12 10.15 45.89
C GLY A 35 32.89 10.44 44.64
N LYS A 36 32.42 9.90 43.49
CA LYS A 36 33.03 10.16 42.19
C LYS A 36 32.60 11.57 41.75
N ALA A 37 33.57 12.37 41.25
CA ALA A 37 33.29 13.73 40.81
C ALA A 37 32.42 13.68 39.55
N ILE A 38 31.27 14.38 39.57
CA ILE A 38 30.41 14.32 38.40
C ILE A 38 30.38 15.69 37.69
N PRO A 39 30.67 15.73 36.37
CA PRO A 39 30.61 17.02 35.64
C PRO A 39 29.17 17.57 35.54
N ASP A 40 29.02 18.82 35.05
CA ASP A 40 27.71 19.47 34.88
C ASP A 40 26.85 18.62 33.93
N LEU A 41 25.69 18.16 34.45
CA LEU A 41 24.79 17.28 33.69
C LEU A 41 23.55 18.02 33.18
N THR A 42 23.51 19.37 33.31
CA THR A 42 22.35 20.17 32.84
C THR A 42 22.06 19.91 31.35
N ALA A 43 23.09 19.98 30.47
CA ALA A 43 22.93 19.76 29.02
C ALA A 43 22.66 18.28 28.69
N PRO A 44 23.45 17.26 29.15
CA PRO A 44 23.11 15.86 28.80
C PRO A 44 21.71 15.45 29.26
N VAL A 45 21.24 15.95 30.42
CA VAL A 45 19.90 15.65 30.93
C VAL A 45 18.84 16.36 30.05
N ALA A 46 19.10 17.64 29.65
CA ALA A 46 18.18 18.39 28.78
C ALA A 46 17.95 17.67 27.46
N ALA A 47 19.02 17.05 26.91
CA ALA A 47 18.97 16.25 25.68
C ALA A 47 18.07 15.01 25.88
N VAL A 48 18.08 14.41 27.09
CA VAL A 48 17.24 13.25 27.42
C VAL A 48 15.78 13.73 27.53
N GLN A 49 15.52 14.85 28.24
CA GLN A 49 14.15 15.38 28.38
C GLN A 49 13.55 15.73 27.01
N ALA A 50 14.36 16.28 26.09
CA ALA A 50 13.91 16.63 24.74
C ALA A 50 13.57 15.35 23.96
N ALA A 51 14.40 14.31 24.08
CA ALA A 51 14.13 13.04 23.41
C ALA A 51 12.88 12.33 23.99
N VAL A 52 12.70 12.36 25.33
CA VAL A 52 11.55 11.73 26.00
C VAL A 52 10.25 12.45 25.57
N SER A 53 10.24 13.80 25.53
CA SER A 53 9.07 14.58 25.08
C SER A 53 8.64 14.17 23.66
N ASN A 54 9.62 13.99 22.74
CA ASN A 54 9.36 13.58 21.36
C ASN A 54 8.84 12.13 21.27
N LEU A 55 9.31 11.20 22.14
CA LEU A 55 8.83 9.81 22.17
C LEU A 55 7.37 9.76 22.64
N VAL A 56 7.02 10.52 23.69
CA VAL A 56 5.66 10.57 24.25
C VAL A 56 4.70 11.20 23.22
N ARG A 57 5.12 12.29 22.54
CA ARG A 57 4.34 12.98 21.51
C ARG A 57 4.05 12.03 20.33
N VAL A 58 5.09 11.32 19.83
CA VAL A 58 4.94 10.37 18.73
C VAL A 58 4.12 9.15 19.22
N GLY A 59 4.34 8.73 20.47
CA GLY A 59 3.58 7.64 21.10
C GLY A 59 2.09 7.98 21.21
N LYS A 60 1.78 9.26 21.49
CA LYS A 60 0.42 9.76 21.62
C LYS A 60 -0.29 9.75 20.25
N GLU A 61 0.46 10.04 19.16
CA GLU A 61 -0.03 10.04 17.77
C GLU A 61 -0.41 8.63 17.32
N THR A 62 0.29 7.61 17.86
CA THR A 62 0.02 6.22 17.58
C THR A 62 -1.26 5.80 18.34
N VAL A 63 -1.34 6.09 19.67
CA VAL A 63 -2.49 5.79 20.55
C VAL A 63 -3.83 6.27 19.93
N GLN A 64 -3.86 7.52 19.43
CA GLN A 64 -5.06 8.12 18.84
C GLN A 64 -5.45 7.51 17.47
N THR A 65 -4.47 7.29 16.57
CA THR A 65 -4.76 6.77 15.21
C THR A 65 -4.94 5.25 15.15
N THR A 66 -4.45 4.49 16.14
CA THR A 66 -4.60 3.04 16.17
C THR A 66 -6.04 2.61 16.55
N GLU A 67 -6.37 1.34 16.28
CA GLU A 67 -7.66 0.75 16.65
C GLU A 67 -7.45 -0.39 17.68
N ASP A 68 -6.18 -0.72 17.96
CA ASP A 68 -5.77 -1.73 18.94
C ASP A 68 -5.98 -1.19 20.36
N GLN A 69 -6.99 -1.72 21.07
CA GLN A 69 -7.37 -1.28 22.41
C GLN A 69 -6.33 -1.68 23.47
N ILE A 70 -5.54 -2.75 23.24
CA ILE A 70 -4.49 -3.17 24.20
C ILE A 70 -3.37 -2.12 24.14
N LEU A 71 -2.95 -1.68 22.93
CA LEU A 71 -1.91 -0.65 22.75
C LEU A 71 -2.40 0.68 23.38
N LYS A 72 -3.67 1.07 23.15
CA LYS A 72 -4.25 2.29 23.72
C LYS A 72 -4.20 2.26 25.25
N ARG A 73 -4.40 1.07 25.83
CA ARG A 73 -4.40 0.87 27.27
C ARG A 73 -2.97 0.84 27.85
N ASP A 74 -2.04 0.14 27.19
CA ASP A 74 -0.72 -0.11 27.73
C ASP A 74 0.35 0.98 27.47
N MET A 75 0.15 1.87 26.48
CA MET A 75 1.15 2.93 26.23
C MET A 75 1.13 4.04 27.32
N PRO A 76 -0.04 4.59 27.73
CA PRO A 76 -0.03 5.67 28.73
C PRO A 76 0.69 5.35 30.05
N PRO A 77 0.57 4.16 30.71
CA PRO A 77 1.38 3.93 31.93
C PRO A 77 2.88 4.00 31.64
N ALA A 78 3.31 3.61 30.41
CA ALA A 78 4.73 3.69 30.05
C ALA A 78 5.18 5.14 29.80
N PHE A 79 4.28 6.01 29.30
CA PHE A 79 4.54 7.45 29.13
C PHE A 79 4.84 8.07 30.49
N ILE A 80 4.03 7.71 31.51
CA ILE A 80 4.18 8.19 32.90
C ILE A 80 5.54 7.74 33.43
N LYS A 81 5.91 6.47 33.15
CA LYS A 81 7.16 5.91 33.61
C LYS A 81 8.37 6.68 33.07
N VAL A 82 8.44 6.98 31.76
CA VAL A 82 9.59 7.69 31.17
C VAL A 82 9.62 9.15 31.61
N GLU A 83 8.43 9.76 31.80
CA GLU A 83 8.33 11.15 32.24
C GLU A 83 8.77 11.28 33.67
N ASN A 84 8.31 10.37 34.57
CA ASN A 84 8.68 10.40 36.00
C ASN A 84 10.16 10.13 36.15
N ALA A 85 10.74 9.30 35.27
CA ALA A 85 12.16 9.01 35.27
C ALA A 85 12.93 10.27 34.86
N CYS A 86 12.45 10.97 33.84
CA CYS A 86 13.00 12.24 33.35
C CYS A 86 13.03 13.30 34.45
N THR A 87 11.97 13.34 35.28
CA THR A 87 11.82 14.25 36.42
C THR A 87 12.98 14.09 37.38
N LYS A 88 13.32 12.83 37.74
CA LYS A 88 14.41 12.51 38.65
C LYS A 88 15.75 12.94 38.06
N LEU A 89 15.97 12.76 36.74
CA LEU A 89 17.23 13.15 36.09
C LEU A 89 17.39 14.68 36.08
N VAL A 90 16.32 15.43 35.74
CA VAL A 90 16.30 16.91 35.70
C VAL A 90 16.59 17.46 37.11
N GLN A 91 15.89 16.89 38.12
CA GLN A 91 16.07 17.27 39.51
C GLN A 91 17.46 16.91 40.03
N ALA A 92 18.01 15.73 39.65
CA ALA A 92 19.34 15.30 40.10
C ALA A 92 20.42 16.27 39.61
N ALA A 93 20.32 16.72 38.34
CA ALA A 93 21.25 17.69 37.72
C ALA A 93 21.22 19.02 38.50
N GLN A 94 20.02 19.47 38.93
CA GLN A 94 19.85 20.70 39.74
C GLN A 94 20.49 20.53 41.11
N MET A 95 20.19 19.41 41.80
CA MET A 95 20.72 19.08 43.14
C MET A 95 22.24 19.02 43.14
N LEU A 96 22.84 18.47 42.07
CA LEU A 96 24.30 18.34 41.91
C LEU A 96 24.99 19.68 41.67
N GLN A 97 24.25 20.69 41.16
CA GLN A 97 24.82 22.01 40.94
C GLN A 97 24.99 22.74 42.29
N SER A 98 24.01 22.54 43.21
CA SER A 98 24.00 23.10 44.57
C SER A 98 24.93 22.33 45.51
N ASP A 99 25.02 20.99 45.34
CA ASP A 99 25.86 20.11 46.16
C ASP A 99 26.47 19.02 45.26
N PRO A 100 27.73 19.21 44.78
CA PRO A 100 28.34 18.20 43.88
C PRO A 100 28.55 16.82 44.50
N TYR A 101 28.44 16.74 45.83
CA TYR A 101 28.65 15.51 46.58
C TYR A 101 27.34 14.87 47.03
N SER A 102 26.20 15.39 46.56
CA SER A 102 24.88 14.88 46.90
C SER A 102 24.74 13.39 46.61
N VAL A 103 24.50 12.60 47.66
CA VAL A 103 24.25 11.15 47.58
C VAL A 103 22.78 10.93 47.07
N PRO A 104 21.72 11.63 47.58
CA PRO A 104 20.37 11.43 47.02
C PRO A 104 20.27 11.72 45.50
N ALA A 105 21.04 12.71 45.00
CA ALA A 105 21.05 13.08 43.57
C ALA A 105 21.62 11.95 42.71
N ARG A 106 22.67 11.27 43.23
CA ARG A 106 23.27 10.15 42.52
C ARG A 106 22.31 8.98 42.45
N ASP A 107 21.51 8.78 43.54
CA ASP A 107 20.47 7.75 43.57
C ASP A 107 19.40 8.03 42.52
N TYR A 108 19.02 9.34 42.36
CA TYR A 108 18.06 9.81 41.35
C TYR A 108 18.58 9.56 39.93
N LEU A 109 19.91 9.72 39.71
CA LEU A 109 20.50 9.47 38.40
C LEU A 109 20.34 8.02 37.98
N ILE A 110 20.55 7.09 38.94
CA ILE A 110 20.42 5.64 38.68
C ILE A 110 18.95 5.26 38.49
N ASP A 111 18.06 5.72 39.39
CA ASP A 111 16.63 5.40 39.31
C ASP A 111 16.03 5.98 38.02
N GLY A 112 16.44 7.19 37.67
CA GLY A 112 16.03 7.90 36.46
C GLY A 112 16.43 7.18 35.19
N SER A 113 17.72 6.80 35.06
CA SER A 113 18.24 6.07 33.90
C SER A 113 17.55 4.71 33.73
N ARG A 114 17.35 3.97 34.85
CA ARG A 114 16.65 2.68 34.87
C ARG A 114 15.20 2.84 34.44
N GLY A 115 14.55 3.90 34.92
CA GLY A 115 13.16 4.20 34.60
C GLY A 115 12.99 4.53 33.12
N ILE A 116 13.93 5.29 32.55
CA ILE A 116 13.94 5.65 31.12
C ILE A 116 14.03 4.35 30.30
N LEU A 117 14.97 3.46 30.66
CA LEU A 117 15.15 2.17 29.98
C LEU A 117 13.89 1.29 30.08
N SER A 118 13.38 1.08 31.29
CA SER A 118 12.20 0.26 31.56
C SER A 118 10.96 0.77 30.79
N GLY A 119 10.71 2.08 30.81
CA GLY A 119 9.60 2.70 30.09
C GLY A 119 9.76 2.59 28.58
N THR A 120 10.97 2.85 28.06
CA THR A 120 11.25 2.78 26.62
C THR A 120 11.08 1.31 26.17
N SER A 121 11.55 0.35 26.99
CA SER A 121 11.40 -1.08 26.72
C SER A 121 9.94 -1.46 26.65
N ASP A 122 9.12 -0.98 27.62
CA ASP A 122 7.67 -1.23 27.64
C ASP A 122 7.01 -0.75 26.36
N LEU A 123 7.33 0.49 25.93
CA LEU A 123 6.76 1.11 24.72
C LEU A 123 7.11 0.32 23.46
N LEU A 124 8.36 -0.12 23.31
CA LEU A 124 8.78 -0.91 22.14
C LEU A 124 8.12 -2.28 22.12
N LEU A 125 8.02 -2.93 23.30
CA LEU A 125 7.37 -4.25 23.39
C LEU A 125 5.86 -4.15 23.12
N THR A 126 5.20 -3.08 23.63
CA THR A 126 3.77 -2.86 23.37
C THR A 126 3.54 -2.63 21.90
N PHE A 127 4.37 -1.79 21.25
CA PHE A 127 4.25 -1.47 19.83
C PHE A 127 4.45 -2.73 19.00
N ASP A 128 5.43 -3.56 19.37
CA ASP A 128 5.72 -4.81 18.67
C ASP A 128 4.56 -5.81 18.79
N GLU A 129 3.98 -5.94 20.00
CA GLU A 129 2.87 -6.86 20.23
C GLU A 129 1.64 -6.46 19.40
N ALA A 130 1.40 -5.15 19.23
CA ALA A 130 0.31 -4.64 18.40
C ALA A 130 0.56 -4.97 16.89
N GLU A 131 1.83 -4.88 16.43
CA GLU A 131 2.17 -5.21 15.04
C GLU A 131 1.95 -6.70 14.78
N VAL A 132 2.26 -7.53 15.79
CA VAL A 132 2.06 -8.98 15.73
C VAL A 132 0.55 -9.29 15.69
N ARG A 133 -0.26 -8.60 16.52
CA ARG A 133 -1.72 -8.77 16.56
C ARG A 133 -2.32 -8.49 15.20
N LYS A 134 -1.74 -7.52 14.42
CA LYS A 134 -2.20 -7.24 13.05
C LYS A 134 -2.03 -8.49 12.17
N ILE A 135 -0.89 -9.19 12.29
CA ILE A 135 -0.59 -10.38 11.49
C ILE A 135 -1.54 -11.52 11.90
N ILE A 136 -1.75 -11.72 13.22
CA ILE A 136 -2.64 -12.77 13.77
C ILE A 136 -4.08 -12.56 13.28
N ARG A 137 -4.52 -11.28 13.18
CA ARG A 137 -5.86 -10.96 12.65
C ARG A 137 -6.01 -11.50 11.23
N VAL A 138 -4.99 -11.28 10.39
CA VAL A 138 -4.94 -11.75 9.00
C VAL A 138 -4.97 -13.30 8.99
N CYS A 139 -4.16 -13.96 9.85
CA CYS A 139 -4.12 -15.43 9.97
C CYS A 139 -5.50 -15.99 10.34
N LYS A 140 -6.16 -15.39 11.35
CA LYS A 140 -7.46 -15.85 11.85
C LYS A 140 -8.56 -15.69 10.81
N GLY A 141 -8.48 -14.64 9.99
CA GLY A 141 -9.40 -14.37 8.90
C GLY A 141 -9.30 -15.47 7.86
N ILE A 142 -8.08 -15.96 7.56
CA ILE A 142 -7.84 -17.05 6.61
C ILE A 142 -8.39 -18.38 7.21
N LEU A 143 -8.09 -18.67 8.49
CA LEU A 143 -8.62 -19.83 9.21
C LEU A 143 -10.12 -19.90 9.10
N GLU A 144 -10.80 -18.77 9.35
CA GLU A 144 -12.26 -18.67 9.29
C GLU A 144 -12.72 -18.90 7.84
N TYR A 145 -12.05 -18.29 6.87
CA TYR A 145 -12.35 -18.48 5.45
C TYR A 145 -12.20 -19.97 5.01
N LEU A 146 -11.19 -20.71 5.54
CA LEU A 146 -10.95 -22.15 5.29
C LEU A 146 -12.07 -23.02 5.80
N THR A 147 -12.80 -22.57 6.85
CA THR A 147 -13.95 -23.29 7.40
C THR A 147 -15.14 -23.26 6.43
N VAL A 148 -15.09 -22.37 5.43
CA VAL A 148 -16.15 -22.18 4.41
C VAL A 148 -15.88 -23.04 3.16
N ALA A 149 -14.69 -23.65 3.05
CA ALA A 149 -14.38 -24.48 1.85
C ALA A 149 -15.44 -25.59 1.64
N GLU A 150 -15.93 -26.20 2.74
CA GLU A 150 -16.92 -27.29 2.69
C GLU A 150 -18.29 -26.85 2.21
N VAL A 151 -18.55 -25.55 2.13
CA VAL A 151 -19.85 -25.06 1.66
C VAL A 151 -19.87 -25.10 0.14
N VAL A 152 -18.69 -25.02 -0.50
CA VAL A 152 -18.55 -24.98 -1.97
C VAL A 152 -19.05 -26.29 -2.62
N GLU A 153 -20.13 -26.18 -3.39
CA GLU A 153 -20.69 -27.37 -4.02
C GLU A 153 -21.01 -27.17 -5.51
N THR A 154 -20.77 -25.97 -6.08
CA THR A 154 -21.01 -25.74 -7.50
C THR A 154 -19.80 -25.03 -8.11
N MET A 155 -19.75 -24.98 -9.45
CA MET A 155 -18.71 -24.28 -10.20
C MET A 155 -18.70 -22.78 -9.86
N GLU A 156 -19.89 -22.17 -9.77
CA GLU A 156 -20.06 -20.76 -9.45
C GLU A 156 -19.56 -20.49 -8.02
N ASP A 157 -19.81 -21.41 -7.08
CA ASP A 157 -19.33 -21.27 -5.71
C ASP A 157 -17.80 -21.32 -5.70
N LEU A 158 -17.23 -22.26 -6.47
CA LEU A 158 -15.80 -22.45 -6.58
C LEU A 158 -15.09 -21.17 -7.09
N VAL A 159 -15.65 -20.52 -8.12
CA VAL A 159 -15.02 -19.31 -8.69
C VAL A 159 -15.02 -18.17 -7.63
N THR A 160 -16.16 -17.95 -6.96
CA THR A 160 -16.32 -16.92 -5.92
C THR A 160 -15.33 -17.20 -4.78
N TYR A 161 -15.33 -18.44 -4.28
CA TYR A 161 -14.47 -18.85 -3.17
C TYR A 161 -12.97 -18.64 -3.43
N THR A 162 -12.45 -19.16 -4.55
CA THR A 162 -11.04 -19.07 -4.96
C THR A 162 -10.59 -17.60 -5.10
N LYS A 163 -11.42 -16.77 -5.75
CA LYS A 163 -11.17 -15.36 -5.98
C LYS A 163 -10.86 -14.61 -4.66
N ASN A 164 -11.63 -14.84 -3.58
CA ASN A 164 -11.46 -14.08 -2.35
C ASN A 164 -10.55 -14.76 -1.33
N LEU A 165 -9.84 -15.83 -1.75
CA LEU A 165 -8.91 -16.58 -0.93
C LEU A 165 -7.47 -16.21 -1.31
N GLY A 166 -7.23 -16.08 -2.61
CA GLY A 166 -5.94 -15.70 -3.18
C GLY A 166 -5.29 -14.46 -2.60
N PRO A 167 -6.03 -13.34 -2.38
CA PRO A 167 -5.39 -12.13 -1.83
C PRO A 167 -5.02 -12.26 -0.34
N GLY A 168 -5.89 -12.86 0.46
CA GLY A 168 -5.65 -13.08 1.89
C GLY A 168 -4.38 -13.88 2.13
N MET A 169 -4.17 -14.92 1.30
CA MET A 169 -2.99 -15.78 1.34
C MET A 169 -1.72 -15.02 0.97
N THR A 170 -1.83 -14.13 -0.03
CA THR A 170 -0.73 -13.30 -0.52
C THR A 170 -0.36 -12.28 0.57
N LYS A 171 -1.37 -11.71 1.25
CA LYS A 171 -1.18 -10.74 2.32
C LYS A 171 -0.48 -11.40 3.51
N MET A 172 -0.97 -12.58 3.96
CA MET A 172 -0.38 -13.36 5.05
C MET A 172 1.08 -13.73 4.74
N ALA A 173 1.37 -14.26 3.52
CA ALA A 173 2.74 -14.64 3.15
C ALA A 173 3.70 -13.43 3.22
N LYS A 174 3.27 -12.25 2.72
CA LYS A 174 4.08 -11.03 2.75
C LYS A 174 4.37 -10.61 4.21
N MET A 175 3.36 -10.67 5.10
CA MET A 175 3.50 -10.33 6.51
C MET A 175 4.45 -11.28 7.24
N ILE A 176 4.38 -12.60 6.96
CA ILE A 176 5.24 -13.59 7.61
C ILE A 176 6.69 -13.41 7.13
N ASP A 177 6.91 -13.21 5.81
CA ASP A 177 8.21 -13.00 5.21
C ASP A 177 8.93 -11.79 5.86
N GLU A 178 8.21 -10.67 6.00
CA GLU A 178 8.77 -9.45 6.60
C GLU A 178 9.06 -9.62 8.09
N ARG A 179 8.17 -10.33 8.81
CA ARG A 179 8.31 -10.57 10.25
C ARG A 179 9.46 -11.53 10.58
N GLN A 180 9.56 -12.68 9.88
CA GLN A 180 10.63 -13.65 10.17
C GLN A 180 12.03 -13.01 10.05
N GLN A 181 12.21 -12.02 9.15
CA GLN A 181 13.46 -11.30 8.91
C GLN A 181 13.83 -10.38 10.07
N GLU A 182 12.86 -10.05 10.93
CA GLU A 182 13.04 -9.19 12.09
C GLU A 182 13.42 -9.96 13.36
N LEU A 183 13.17 -11.28 13.38
CA LEU A 183 13.38 -12.11 14.57
C LEU A 183 14.84 -12.45 14.86
N THR A 184 15.20 -12.42 16.15
CA THR A 184 16.56 -12.75 16.62
C THR A 184 16.70 -14.27 16.90
N HIS A 185 15.58 -14.95 17.22
CA HIS A 185 15.51 -16.38 17.50
C HIS A 185 15.42 -17.16 16.18
N GLN A 186 16.56 -17.68 15.71
CA GLN A 186 16.68 -18.37 14.43
C GLN A 186 15.78 -19.62 14.33
N GLU A 187 15.55 -20.38 15.42
CA GLU A 187 14.71 -21.60 15.38
C GLU A 187 13.24 -21.25 15.09
N HIS A 188 12.79 -20.10 15.61
CA HIS A 188 11.43 -19.65 15.40
C HIS A 188 11.27 -19.14 13.96
N ARG A 189 12.34 -18.55 13.36
CA ARG A 189 12.32 -18.09 11.97
C ARG A 189 12.10 -19.29 11.04
N VAL A 190 12.77 -20.43 11.32
CA VAL A 190 12.67 -21.68 10.57
C VAL A 190 11.23 -22.22 10.68
N MET A 191 10.64 -22.20 11.89
CA MET A 191 9.27 -22.68 12.13
C MET A 191 8.26 -21.87 11.31
N LEU A 192 8.40 -20.52 11.32
CA LEU A 192 7.50 -19.63 10.60
C LEU A 192 7.57 -19.82 9.09
N VAL A 193 8.79 -19.83 8.52
CA VAL A 193 8.98 -19.97 7.07
C VAL A 193 8.48 -21.36 6.63
N ASN A 194 8.79 -22.43 7.40
CA ASN A 194 8.36 -23.80 7.02
C ASN A 194 6.85 -23.96 7.08
N SER A 195 6.20 -23.37 8.11
CA SER A 195 4.74 -23.42 8.22
C SER A 195 4.09 -22.65 7.06
N MET A 196 4.69 -21.50 6.67
CA MET A 196 4.19 -20.66 5.58
C MET A 196 4.38 -21.39 4.25
N ASN A 197 5.50 -22.10 4.07
CA ASN A 197 5.76 -22.91 2.86
C ASN A 197 4.71 -24.00 2.73
N THR A 198 4.32 -24.63 3.85
CA THR A 198 3.32 -25.70 3.86
C THR A 198 1.95 -25.13 3.46
N VAL A 199 1.53 -24.02 4.08
CA VAL A 199 0.25 -23.37 3.77
C VAL A 199 0.20 -22.97 2.29
N LYS A 200 1.27 -22.31 1.80
CA LYS A 200 1.40 -21.86 0.39
C LYS A 200 1.27 -23.02 -0.60
N GLU A 201 1.94 -24.14 -0.32
CA GLU A 201 1.93 -25.29 -1.22
C GLU A 201 0.65 -26.12 -1.13
N LEU A 202 -0.04 -26.06 0.00
CA LEU A 202 -1.30 -26.80 0.16
C LEU A 202 -2.48 -26.04 -0.45
N LEU A 203 -2.34 -24.72 -0.71
CA LEU A 203 -3.40 -23.92 -1.32
C LEU A 203 -3.82 -24.55 -2.69
N PRO A 204 -2.91 -24.82 -3.68
CA PRO A 204 -3.37 -25.47 -4.92
C PRO A 204 -3.93 -26.89 -4.70
N VAL A 205 -3.45 -27.61 -3.65
CA VAL A 205 -3.96 -28.94 -3.28
C VAL A 205 -5.41 -28.78 -2.83
N LEU A 206 -5.71 -27.75 -2.04
CA LEU A 206 -7.09 -27.48 -1.60
C LEU A 206 -7.98 -27.15 -2.81
N ILE A 207 -7.51 -26.27 -3.70
CA ILE A 207 -8.29 -25.86 -4.87
C ILE A 207 -8.60 -27.09 -5.76
N SER A 208 -7.60 -27.94 -5.99
CA SER A 208 -7.75 -29.15 -6.79
C SER A 208 -8.77 -30.11 -6.11
N ALA A 209 -8.72 -30.27 -4.77
CA ALA A 209 -9.67 -31.14 -4.05
C ALA A 209 -11.10 -30.57 -4.12
N MET A 210 -11.26 -29.24 -4.09
CA MET A 210 -12.58 -28.63 -4.22
C MET A 210 -13.13 -28.88 -5.64
N LYS A 211 -12.27 -28.80 -6.67
CA LYS A 211 -12.70 -29.06 -8.06
C LYS A 211 -13.23 -30.49 -8.20
N ILE A 212 -12.55 -31.46 -7.60
CA ILE A 212 -12.97 -32.87 -7.67
C ILE A 212 -14.27 -33.05 -6.89
N PHE A 213 -14.36 -32.41 -5.70
CA PHE A 213 -15.57 -32.48 -4.89
C PHE A 213 -16.76 -31.99 -5.71
N VAL A 214 -16.63 -30.83 -6.39
CA VAL A 214 -17.70 -30.27 -7.23
C VAL A 214 -18.07 -31.25 -8.37
N THR A 215 -17.05 -31.88 -9.01
CA THR A 215 -17.31 -32.78 -10.12
C THR A 215 -17.98 -34.08 -9.65
N THR A 216 -17.51 -34.68 -8.52
CA THR A 216 -18.11 -35.92 -8.00
C THR A 216 -19.58 -35.68 -7.59
N LYS A 217 -19.85 -34.52 -6.94
CA LYS A 217 -21.18 -34.11 -6.50
C LYS A 217 -22.13 -33.97 -7.70
N ASN A 218 -21.65 -33.36 -8.81
CA ASN A 218 -22.43 -33.16 -10.04
C ASN A 218 -22.67 -34.45 -10.83
N SER A 219 -21.67 -35.36 -10.88
CA SER A 219 -21.79 -36.64 -11.58
C SER A 219 -22.65 -37.65 -10.80
N LYS A 220 -22.70 -37.47 -9.46
CA LYS A 220 -23.41 -38.29 -8.47
C LYS A 220 -22.84 -39.74 -8.51
N ASN A 221 -21.50 -39.83 -8.44
CA ASN A 221 -20.71 -41.07 -8.46
C ASN A 221 -20.22 -41.46 -7.06
N GLN A 222 -19.67 -42.67 -6.94
CA GLN A 222 -19.15 -43.32 -5.73
C GLN A 222 -17.87 -42.65 -5.12
N GLY A 223 -17.29 -41.68 -5.82
CA GLY A 223 -16.08 -40.98 -5.38
C GLY A 223 -16.26 -39.79 -4.45
N ILE A 224 -17.51 -39.48 -4.03
CA ILE A 224 -17.88 -38.34 -3.17
C ILE A 224 -17.20 -38.40 -1.78
N GLU A 225 -17.31 -39.53 -1.05
CA GLU A 225 -16.74 -39.66 0.31
C GLU A 225 -15.22 -39.43 0.32
N GLU A 226 -14.49 -39.92 -0.70
CA GLU A 226 -13.04 -39.74 -0.82
C GLU A 226 -12.69 -38.27 -1.14
N ALA A 227 -13.55 -37.59 -1.93
CA ALA A 227 -13.39 -36.20 -2.31
C ALA A 227 -13.57 -35.29 -1.08
N LEU A 228 -14.57 -35.61 -0.22
CA LEU A 228 -14.87 -34.93 1.02
C LEU A 228 -13.73 -35.09 2.01
N LYS A 229 -13.21 -36.33 2.14
CA LYS A 229 -12.11 -36.68 3.03
C LYS A 229 -10.80 -36.01 2.59
N ASN A 230 -10.53 -35.92 1.26
CA ASN A 230 -9.33 -35.25 0.76
C ASN A 230 -9.40 -33.72 1.00
N ARG A 231 -10.59 -33.11 0.78
CA ARG A 231 -10.78 -31.68 1.03
C ARG A 231 -10.64 -31.31 2.51
N ASN A 232 -11.31 -32.09 3.40
CA ASN A 232 -11.30 -31.86 4.84
C ASN A 232 -9.90 -32.03 5.42
N PHE A 233 -9.14 -33.03 4.94
CA PHE A 233 -7.78 -33.28 5.40
C PHE A 233 -6.83 -32.12 5.02
N THR A 234 -7.02 -31.52 3.83
CA THR A 234 -6.19 -30.39 3.37
C THR A 234 -6.54 -29.14 4.20
N VAL A 235 -7.85 -28.88 4.45
CA VAL A 235 -8.33 -27.78 5.31
C VAL A 235 -7.75 -27.97 6.73
N GLU A 236 -7.79 -29.22 7.23
CA GLU A 236 -7.27 -29.58 8.55
C GLU A 236 -5.77 -29.27 8.65
N LYS A 237 -4.95 -29.73 7.66
CA LYS A 237 -3.51 -29.51 7.67
C LYS A 237 -3.16 -28.04 7.56
N MET A 238 -3.84 -27.29 6.66
CA MET A 238 -3.58 -25.84 6.52
C MET A 238 -3.92 -25.11 7.80
N SER A 239 -5.06 -25.47 8.43
CA SER A 239 -5.52 -24.84 9.66
C SER A 239 -4.55 -25.08 10.80
N ALA A 240 -4.03 -26.32 10.90
CA ALA A 240 -3.05 -26.70 11.93
C ALA A 240 -1.76 -25.88 11.77
N GLU A 241 -1.34 -25.65 10.52
CA GLU A 241 -0.15 -24.88 10.19
C GLU A 241 -0.33 -23.39 10.49
N ILE A 242 -1.52 -22.82 10.21
CA ILE A 242 -1.81 -21.42 10.49
C ILE A 242 -1.87 -21.22 12.01
N ASN A 243 -2.44 -22.20 12.75
CA ASN A 243 -2.50 -22.13 14.22
C ASN A 243 -1.09 -22.19 14.79
N GLU A 244 -0.18 -22.96 14.14
CA GLU A 244 1.22 -23.05 14.54
C GLU A 244 1.91 -21.70 14.31
N ILE A 245 1.62 -21.02 13.18
CA ILE A 245 2.18 -19.68 12.87
C ILE A 245 1.75 -18.69 13.97
N ILE A 246 0.46 -18.66 14.33
CA ILE A 246 -0.10 -17.77 15.36
C ILE A 246 0.65 -17.99 16.71
N ARG A 247 0.85 -19.26 17.10
CA ARG A 247 1.56 -19.66 18.31
C ARG A 247 3.00 -19.15 18.31
N VAL A 248 3.75 -19.38 17.20
CA VAL A 248 5.15 -18.96 17.09
C VAL A 248 5.25 -17.43 17.05
N LEU A 249 4.31 -16.74 16.37
CA LEU A 249 4.32 -15.28 16.30
C LEU A 249 4.26 -14.65 17.69
N GLN A 250 3.52 -15.28 18.63
CA GLN A 250 3.29 -14.80 20.00
C GLN A 250 4.48 -15.09 20.92
N LEU A 251 5.29 -16.13 20.59
CA LEU A 251 6.49 -16.48 21.37
C LEU A 251 7.55 -15.40 21.25
N PRO B 3 5.48 14.48 -16.46
CA PRO B 3 4.78 13.19 -16.49
C PRO B 3 4.75 12.55 -17.89
N VAL B 4 4.57 11.22 -17.93
CA VAL B 4 4.53 10.42 -19.16
C VAL B 4 3.08 10.32 -19.67
N PHE B 5 2.87 10.66 -20.95
CA PHE B 5 1.53 10.65 -21.57
C PHE B 5 1.35 9.35 -22.40
N HIS B 6 0.72 8.35 -21.78
CA HIS B 6 0.45 7.03 -22.36
C HIS B 6 -0.66 7.06 -23.40
N THR B 7 -1.54 8.07 -23.31
CA THR B 7 -2.68 8.14 -24.22
C THR B 7 -2.63 9.40 -25.06
N ARG B 8 -3.21 9.30 -26.25
CA ARG B 8 -3.35 10.37 -27.23
C ARG B 8 -4.14 11.55 -26.65
N THR B 9 -5.21 11.25 -25.88
CA THR B 9 -6.07 12.24 -25.25
C THR B 9 -5.30 13.07 -24.22
N ILE B 10 -4.58 12.41 -23.31
CA ILE B 10 -3.82 13.07 -22.24
C ILE B 10 -2.70 13.90 -22.86
N GLU B 11 -2.03 13.37 -23.89
CA GLU B 11 -0.97 14.08 -24.59
C GLU B 11 -1.51 15.35 -25.26
N SER B 12 -2.63 15.24 -26.01
CA SER B 12 -3.23 16.38 -26.72
C SER B 12 -3.69 17.50 -25.76
N ILE B 13 -4.14 17.13 -24.55
CA ILE B 13 -4.63 18.09 -23.55
C ILE B 13 -3.44 18.81 -22.88
N LEU B 14 -2.48 18.04 -22.32
CA LEU B 14 -1.42 18.58 -21.47
C LEU B 14 -0.16 19.06 -22.18
N GLU B 15 0.31 18.35 -23.22
CA GLU B 15 1.57 18.71 -23.87
C GLU B 15 1.64 20.17 -24.32
N PRO B 16 0.65 20.76 -25.04
CA PRO B 16 0.83 22.14 -25.53
C PRO B 16 0.98 23.14 -24.40
N VAL B 17 0.14 23.03 -23.35
CA VAL B 17 0.20 23.95 -22.23
C VAL B 17 1.47 23.69 -21.37
N ALA B 18 1.94 22.43 -21.24
CA ALA B 18 3.19 22.15 -20.50
C ALA B 18 4.38 22.86 -21.16
N GLN B 19 4.41 22.85 -22.51
CA GLN B 19 5.46 23.48 -23.31
C GLN B 19 5.39 25.01 -23.18
N GLN B 20 4.18 25.60 -23.15
CA GLN B 20 4.00 27.05 -22.97
C GLN B 20 4.47 27.48 -21.58
N ILE B 21 4.19 26.67 -20.54
CA ILE B 21 4.59 26.98 -19.17
C ILE B 21 6.12 26.84 -19.05
N SER B 22 6.70 25.77 -19.61
CA SER B 22 8.16 25.57 -19.58
C SER B 22 8.89 26.80 -20.18
N HIS B 23 8.36 27.38 -21.27
CA HIS B 23 8.95 28.56 -21.88
C HIS B 23 8.75 29.80 -21.02
N LEU B 24 7.58 29.94 -20.38
CA LEU B 24 7.32 31.05 -19.46
C LEU B 24 8.29 30.95 -18.28
N VAL B 25 8.50 29.73 -17.73
CA VAL B 25 9.42 29.50 -16.60
C VAL B 25 10.85 29.94 -16.98
N ILE B 26 11.35 29.53 -18.16
CA ILE B 26 12.69 29.90 -18.64
C ILE B 26 12.79 31.44 -18.83
N MET B 27 11.74 32.09 -19.37
CA MET B 27 11.77 33.56 -19.53
C MET B 27 11.77 34.24 -18.19
N HIS B 28 11.02 33.69 -17.22
CA HIS B 28 10.94 34.24 -15.86
C HIS B 28 12.31 34.19 -15.15
N GLU B 29 13.01 33.03 -15.25
CA GLU B 29 14.30 32.83 -14.59
C GLU B 29 15.40 33.63 -15.25
N GLU B 30 15.22 34.02 -16.53
CA GLU B 30 16.18 34.84 -17.27
C GLU B 30 15.98 36.32 -17.01
N GLY B 31 14.89 36.69 -16.34
CA GLY B 31 14.57 38.07 -15.99
C GLY B 31 13.75 38.84 -17.02
N GLU B 32 13.27 38.13 -18.06
CA GLU B 32 12.48 38.67 -19.19
C GLU B 32 11.00 38.99 -18.83
N VAL B 33 10.41 38.35 -17.79
CA VAL B 33 9.02 38.55 -17.34
C VAL B 33 8.94 39.77 -16.39
N ASP B 34 10.09 40.24 -15.85
CA ASP B 34 10.07 41.39 -14.94
C ASP B 34 10.52 42.69 -15.62
N GLY B 35 9.91 43.81 -15.22
CA GLY B 35 10.23 45.14 -15.74
C GLY B 35 9.27 45.67 -16.79
N LYS B 36 8.35 44.80 -17.23
CA LYS B 36 7.35 45.10 -18.26
C LYS B 36 5.97 45.00 -17.65
N ALA B 37 5.10 45.98 -17.91
CA ALA B 37 3.72 45.92 -17.42
C ALA B 37 2.94 44.84 -18.21
N ILE B 38 2.32 43.89 -17.48
CA ILE B 38 1.46 42.79 -17.94
C ILE B 38 0.03 43.34 -18.04
N PRO B 39 -0.76 43.03 -19.08
CA PRO B 39 -2.16 43.53 -19.13
C PRO B 39 -3.04 43.02 -18.00
N ASP B 40 -4.27 43.58 -17.85
CA ASP B 40 -5.22 43.18 -16.82
C ASP B 40 -5.53 41.69 -16.96
N LEU B 41 -5.24 40.91 -15.91
CA LEU B 41 -5.43 39.46 -15.92
C LEU B 41 -6.65 39.03 -15.12
N THR B 42 -7.50 39.97 -14.67
CA THR B 42 -8.71 39.64 -13.90
C THR B 42 -9.62 38.66 -14.68
N ALA B 43 -9.91 38.95 -15.97
CA ALA B 43 -10.76 38.11 -16.82
C ALA B 43 -10.06 36.78 -17.20
N PRO B 44 -8.81 36.74 -17.75
CA PRO B 44 -8.20 35.43 -18.07
C PRO B 44 -8.05 34.52 -16.85
N VAL B 45 -7.80 35.08 -15.65
CA VAL B 45 -7.71 34.29 -14.41
C VAL B 45 -9.11 33.80 -14.00
N ALA B 46 -10.16 34.65 -14.13
CA ALA B 46 -11.55 34.27 -13.81
C ALA B 46 -11.99 33.08 -14.68
N ALA B 47 -11.57 33.05 -15.96
CA ALA B 47 -11.85 31.94 -16.89
C ALA B 47 -11.15 30.65 -16.40
N VAL B 48 -9.95 30.75 -15.78
CA VAL B 48 -9.24 29.59 -15.23
C VAL B 48 -9.98 29.11 -13.97
N GLN B 49 -10.37 30.03 -13.06
CA GLN B 49 -11.11 29.66 -11.84
C GLN B 49 -12.44 29.00 -12.17
N ALA B 50 -13.12 29.47 -13.23
CA ALA B 50 -14.41 28.87 -13.67
C ALA B 50 -14.17 27.48 -14.21
N ALA B 51 -13.09 27.27 -14.99
CA ALA B 51 -12.77 25.94 -15.52
C ALA B 51 -12.35 24.98 -14.40
N VAL B 52 -11.55 25.46 -13.41
CA VAL B 52 -11.09 24.63 -12.28
C VAL B 52 -12.30 24.20 -11.41
N SER B 53 -13.25 25.13 -11.11
CA SER B 53 -14.47 24.81 -10.35
C SER B 53 -15.28 23.69 -11.03
N ASN B 54 -15.40 23.79 -12.36
CA ASN B 54 -16.09 22.81 -13.19
C ASN B 54 -15.40 21.43 -13.10
N LEU B 55 -14.05 21.38 -13.21
CA LEU B 55 -13.28 20.13 -13.15
C LEU B 55 -13.42 19.44 -11.79
N VAL B 56 -13.37 20.21 -10.69
CA VAL B 56 -13.52 19.69 -9.32
C VAL B 56 -14.96 19.15 -9.12
N ARG B 57 -15.98 19.88 -9.61
CA ARG B 57 -17.40 19.49 -9.53
C ARG B 57 -17.62 18.17 -10.29
N VAL B 58 -17.10 18.06 -11.54
CA VAL B 58 -17.21 16.85 -12.36
C VAL B 58 -16.38 15.73 -11.72
N GLY B 59 -15.21 16.06 -11.18
CA GLY B 59 -14.36 15.12 -10.46
C GLY B 59 -15.05 14.56 -9.21
N LYS B 60 -15.82 15.40 -8.52
CA LYS B 60 -16.55 15.00 -7.32
C LYS B 60 -17.69 14.03 -7.65
N GLU B 61 -18.36 14.26 -8.81
CA GLU B 61 -19.42 13.39 -9.36
C GLU B 61 -18.89 11.98 -9.63
N THR B 62 -17.63 11.87 -10.08
CA THR B 62 -16.95 10.61 -10.38
C THR B 62 -16.60 9.89 -9.06
N VAL B 63 -15.98 10.61 -8.09
CA VAL B 63 -15.57 10.09 -6.76
C VAL B 63 -16.77 9.39 -6.05
N GLN B 64 -17.95 10.04 -6.05
CA GLN B 64 -19.15 9.52 -5.39
C GLN B 64 -19.75 8.30 -6.11
N THR B 65 -19.87 8.32 -7.46
CA THR B 65 -20.52 7.24 -8.22
C THR B 65 -19.60 6.03 -8.47
N THR B 66 -18.28 6.18 -8.35
CA THR B 66 -17.36 5.06 -8.58
C THR B 66 -17.35 4.07 -7.40
N GLU B 67 -16.79 2.89 -7.62
CA GLU B 67 -16.56 1.87 -6.59
C GLU B 67 -15.05 1.66 -6.42
N ASP B 68 -14.23 2.29 -7.29
CA ASP B 68 -12.76 2.24 -7.27
C ASP B 68 -12.23 3.09 -6.10
N GLN B 69 -11.75 2.41 -5.04
CA GLN B 69 -11.26 3.05 -3.81
C GLN B 69 -9.94 3.80 -4.03
N ILE B 70 -9.13 3.42 -5.04
CA ILE B 70 -7.87 4.13 -5.33
C ILE B 70 -8.22 5.50 -5.92
N LEU B 71 -9.23 5.54 -6.84
CA LEU B 71 -9.68 6.81 -7.44
C LEU B 71 -10.26 7.73 -6.36
N LYS B 72 -11.10 7.17 -5.47
CA LYS B 72 -11.71 7.91 -4.35
C LYS B 72 -10.65 8.54 -3.43
N ARG B 73 -9.52 7.85 -3.24
CA ARG B 73 -8.42 8.28 -2.38
C ARG B 73 -7.52 9.31 -3.06
N ASP B 74 -7.25 9.12 -4.37
CA ASP B 74 -6.28 9.94 -5.08
C ASP B 74 -6.83 11.22 -5.74
N MET B 75 -8.15 11.32 -5.98
CA MET B 75 -8.69 12.54 -6.60
C MET B 75 -8.72 13.75 -5.63
N PRO B 76 -9.20 13.62 -4.37
CA PRO B 76 -9.26 14.78 -3.48
C PRO B 76 -7.92 15.52 -3.27
N PRO B 77 -6.73 14.89 -3.05
CA PRO B 77 -5.50 15.71 -2.94
C PRO B 77 -5.25 16.52 -4.21
N ALA B 78 -5.65 16.00 -5.41
CA ALA B 78 -5.46 16.74 -6.67
C ALA B 78 -6.44 17.91 -6.77
N PHE B 79 -7.67 17.78 -6.21
CA PHE B 79 -8.65 18.89 -6.15
C PHE B 79 -8.06 20.05 -5.35
N ILE B 80 -7.42 19.74 -4.21
CA ILE B 80 -6.77 20.73 -3.33
C ILE B 80 -5.65 21.42 -4.12
N LYS B 81 -4.86 20.63 -4.87
CA LYS B 81 -3.75 21.14 -5.63
C LYS B 81 -4.20 22.19 -6.68
N VAL B 82 -5.24 21.90 -7.48
CA VAL B 82 -5.69 22.82 -8.54
C VAL B 82 -6.37 24.04 -7.91
N GLU B 83 -7.06 23.87 -6.77
CA GLU B 83 -7.71 24.97 -6.08
C GLU B 83 -6.69 25.91 -5.47
N ASN B 84 -5.65 25.35 -4.80
CA ASN B 84 -4.60 26.17 -4.17
C ASN B 84 -3.82 26.91 -5.25
N ALA B 85 -3.66 26.28 -6.42
CA ALA B 85 -2.97 26.92 -7.56
C ALA B 85 -3.82 28.09 -8.06
N CYS B 86 -5.15 27.87 -8.16
CA CYS B 86 -6.10 28.89 -8.57
C CYS B 86 -6.07 30.11 -7.65
N THR B 87 -5.89 29.87 -6.32
CA THR B 87 -5.77 30.89 -5.29
C THR B 87 -4.65 31.85 -5.61
N LYS B 88 -3.45 31.31 -5.98
CA LYS B 88 -2.28 32.11 -6.31
C LYS B 88 -2.54 32.94 -7.56
N LEU B 89 -3.22 32.38 -8.59
CA LEU B 89 -3.53 33.11 -9.81
C LEU B 89 -4.45 34.32 -9.56
N VAL B 90 -5.57 34.10 -8.83
CA VAL B 90 -6.57 35.13 -8.45
C VAL B 90 -5.86 36.23 -7.65
N GLN B 91 -5.07 35.83 -6.64
CA GLN B 91 -4.31 36.78 -5.81
C GLN B 91 -3.28 37.55 -6.62
N ALA B 92 -2.58 36.88 -7.58
CA ALA B 92 -1.58 37.54 -8.44
C ALA B 92 -2.21 38.63 -9.30
N ALA B 93 -3.40 38.36 -9.86
CA ALA B 93 -4.16 39.31 -10.68
C ALA B 93 -4.53 40.56 -9.86
N GLN B 94 -4.92 40.37 -8.57
CA GLN B 94 -5.24 41.46 -7.64
C GLN B 94 -4.00 42.29 -7.35
N MET B 95 -2.88 41.63 -6.99
CA MET B 95 -1.59 42.26 -6.66
C MET B 95 -1.07 43.09 -7.82
N LEU B 96 -1.25 42.60 -9.08
CA LEU B 96 -0.81 43.28 -10.29
C LEU B 96 -1.65 44.53 -10.61
N GLN B 97 -2.89 44.61 -10.10
CA GLN B 97 -3.74 45.78 -10.31
C GLN B 97 -3.24 46.93 -9.43
N SER B 98 -2.77 46.62 -8.21
CA SER B 98 -2.22 47.58 -7.24
C SER B 98 -0.78 47.97 -7.59
N ASP B 99 0.01 47.00 -8.11
CA ASP B 99 1.41 47.23 -8.50
C ASP B 99 1.70 46.42 -9.78
N PRO B 100 1.64 47.06 -10.98
CA PRO B 100 1.86 46.30 -12.22
C PRO B 100 3.26 45.69 -12.36
N TYR B 101 4.20 46.15 -11.52
CA TYR B 101 5.60 45.73 -11.55
C TYR B 101 5.93 44.75 -10.43
N SER B 102 4.88 44.25 -9.72
CA SER B 102 5.02 43.29 -8.62
C SER B 102 5.79 42.05 -9.04
N VAL B 103 6.92 41.82 -8.37
CA VAL B 103 7.76 40.64 -8.56
C VAL B 103 7.09 39.43 -7.84
N PRO B 104 6.61 39.51 -6.57
CA PRO B 104 5.94 38.34 -5.98
C PRO B 104 4.71 37.85 -6.76
N ALA B 105 3.96 38.77 -7.41
CA ALA B 105 2.77 38.43 -8.20
C ALA B 105 3.14 37.62 -9.44
N ARG B 106 4.28 37.96 -10.07
CA ARG B 106 4.76 37.23 -11.25
C ARG B 106 5.18 35.85 -10.84
N ASP B 107 5.78 35.70 -9.63
CA ASP B 107 6.17 34.39 -9.11
C ASP B 107 4.92 33.52 -8.86
N TYR B 108 3.82 34.14 -8.35
CA TYR B 108 2.52 33.49 -8.13
C TYR B 108 1.89 33.03 -9.45
N LEU B 109 2.06 33.81 -10.54
CA LEU B 109 1.54 33.42 -11.86
C LEU B 109 2.21 32.15 -12.37
N ILE B 110 3.53 32.03 -12.16
CA ILE B 110 4.31 30.87 -12.60
C ILE B 110 3.98 29.66 -11.70
N ASP B 111 3.97 29.84 -10.37
CA ASP B 111 3.67 28.73 -9.45
C ASP B 111 2.23 28.25 -9.63
N GLY B 112 1.29 29.20 -9.80
CA GLY B 112 -0.12 28.89 -10.03
C GLY B 112 -0.34 28.07 -11.30
N SER B 113 0.20 28.54 -12.44
CA SER B 113 0.11 27.86 -13.74
C SER B 113 0.69 26.45 -13.65
N ARG B 114 1.86 26.28 -13.00
CA ARG B 114 2.51 24.99 -12.78
C ARG B 114 1.63 24.08 -11.92
N GLY B 115 1.03 24.64 -10.87
CA GLY B 115 0.15 23.90 -9.96
C GLY B 115 -1.12 23.42 -10.64
N ILE B 116 -1.69 24.26 -11.52
CA ILE B 116 -2.87 23.93 -12.31
C ILE B 116 -2.52 22.74 -13.23
N LEU B 117 -1.39 22.81 -13.94
CA LEU B 117 -0.91 21.74 -14.82
C LEU B 117 -0.69 20.43 -14.03
N SER B 118 0.06 20.48 -12.93
CA SER B 118 0.39 19.34 -12.09
C SER B 118 -0.89 18.64 -11.53
N GLY B 119 -1.84 19.43 -11.01
CA GLY B 119 -3.10 18.91 -10.49
C GLY B 119 -3.98 18.31 -11.57
N THR B 120 -4.08 18.98 -12.74
CA THR B 120 -4.88 18.50 -13.88
C THR B 120 -4.26 17.20 -14.40
N SER B 121 -2.92 17.12 -14.45
CA SER B 121 -2.18 15.94 -14.87
C SER B 121 -2.50 14.77 -13.92
N ASP B 122 -2.45 15.02 -12.61
CA ASP B 122 -2.78 14.00 -11.57
C ASP B 122 -4.17 13.44 -11.79
N LEU B 123 -5.16 14.33 -11.99
CA LEU B 123 -6.57 13.95 -12.18
C LEU B 123 -6.78 13.09 -13.44
N LEU B 124 -6.17 13.46 -14.57
CA LEU B 124 -6.27 12.68 -15.82
C LEU B 124 -5.59 11.32 -15.68
N LEU B 125 -4.41 11.27 -15.01
CA LEU B 125 -3.71 10.02 -14.80
C LEU B 125 -4.48 9.09 -13.84
N THR B 126 -5.06 9.65 -12.77
CA THR B 126 -5.87 8.87 -11.82
C THR B 126 -7.10 8.30 -12.53
N PHE B 127 -7.79 9.13 -13.35
CA PHE B 127 -8.97 8.70 -14.08
C PHE B 127 -8.61 7.60 -15.10
N ASP B 128 -7.48 7.75 -15.79
CA ASP B 128 -7.01 6.77 -16.77
C ASP B 128 -6.66 5.44 -16.10
N GLU B 129 -5.99 5.48 -14.93
CA GLU B 129 -5.60 4.26 -14.21
C GLU B 129 -6.84 3.48 -13.75
N ALA B 130 -7.90 4.20 -13.32
CA ALA B 130 -9.17 3.58 -12.91
C ALA B 130 -9.87 2.93 -14.11
N GLU B 131 -9.82 3.59 -15.29
CA GLU B 131 -10.39 3.04 -16.53
C GLU B 131 -9.68 1.75 -16.91
N VAL B 132 -8.34 1.72 -16.77
CA VAL B 132 -7.50 0.55 -17.04
C VAL B 132 -7.87 -0.57 -16.06
N ARG B 133 -8.07 -0.23 -14.75
CA ARG B 133 -8.44 -1.22 -13.73
C ARG B 133 -9.78 -1.86 -14.08
N LYS B 134 -10.72 -1.13 -14.78
CA LYS B 134 -11.98 -1.72 -15.25
C LYS B 134 -11.70 -2.85 -16.26
N ILE B 135 -10.73 -2.62 -17.19
CA ILE B 135 -10.38 -3.60 -18.22
C ILE B 135 -9.72 -4.83 -17.56
N ILE B 136 -8.80 -4.60 -16.61
CA ILE B 136 -8.06 -5.66 -15.88
C ILE B 136 -9.05 -6.55 -15.10
N ARG B 137 -10.11 -5.98 -14.48
CA ARG B 137 -11.13 -6.80 -13.77
C ARG B 137 -11.84 -7.74 -14.77
N VAL B 138 -12.14 -7.25 -15.98
CA VAL B 138 -12.74 -8.08 -17.03
C VAL B 138 -11.75 -9.21 -17.39
N CYS B 139 -10.46 -8.89 -17.61
CA CYS B 139 -9.40 -9.87 -17.91
C CYS B 139 -9.29 -10.95 -16.81
N LYS B 140 -9.24 -10.52 -15.53
CA LYS B 140 -9.10 -11.41 -14.37
C LYS B 140 -10.32 -12.32 -14.20
N GLY B 141 -11.50 -11.83 -14.59
CA GLY B 141 -12.74 -12.61 -14.59
C GLY B 141 -12.64 -13.74 -15.60
N ILE B 142 -12.05 -13.46 -16.80
CA ILE B 142 -11.88 -14.48 -17.84
C ILE B 142 -10.88 -15.54 -17.34
N LEU B 143 -9.76 -15.10 -16.73
CA LEU B 143 -8.74 -15.96 -16.13
C LEU B 143 -9.32 -16.93 -15.09
N GLU B 144 -10.17 -16.44 -14.16
CA GLU B 144 -10.73 -17.33 -13.12
C GLU B 144 -11.72 -18.35 -13.74
N TYR B 145 -12.48 -17.95 -14.77
CA TYR B 145 -13.37 -18.85 -15.46
C TYR B 145 -12.59 -19.92 -16.23
N LEU B 146 -11.41 -19.56 -16.73
CA LEU B 146 -10.57 -20.52 -17.43
C LEU B 146 -10.04 -21.60 -16.47
N THR B 147 -9.86 -21.29 -15.16
CA THR B 147 -9.36 -22.27 -14.16
C THR B 147 -10.41 -23.33 -13.84
N VAL B 148 -11.69 -23.07 -14.19
CA VAL B 148 -12.69 -24.07 -13.89
C VAL B 148 -13.15 -24.79 -15.17
N ALA B 149 -12.50 -24.54 -16.34
CA ALA B 149 -12.81 -25.31 -17.55
C ALA B 149 -12.74 -26.82 -17.25
N GLU B 150 -11.77 -27.24 -16.40
CA GLU B 150 -11.55 -28.65 -16.08
C GLU B 150 -12.67 -29.26 -15.23
N VAL B 151 -13.56 -28.42 -14.68
CA VAL B 151 -14.69 -28.89 -13.86
C VAL B 151 -15.84 -29.34 -14.78
N VAL B 152 -15.86 -28.87 -16.03
CA VAL B 152 -16.95 -29.16 -16.99
C VAL B 152 -16.85 -30.64 -17.45
N GLU B 153 -17.90 -31.45 -17.14
CA GLU B 153 -17.89 -32.88 -17.47
C GLU B 153 -19.09 -33.33 -18.30
N THR B 154 -20.09 -32.47 -18.49
CA THR B 154 -21.26 -32.86 -19.26
C THR B 154 -21.52 -31.82 -20.34
N MET B 155 -22.26 -32.25 -21.39
CA MET B 155 -22.64 -31.34 -22.47
C MET B 155 -23.46 -30.16 -21.89
N GLU B 156 -24.28 -30.40 -20.85
CA GLU B 156 -25.07 -29.36 -20.20
C GLU B 156 -24.17 -28.35 -19.47
N ASP B 157 -23.13 -28.82 -18.71
CA ASP B 157 -22.11 -27.98 -18.06
C ASP B 157 -21.41 -27.12 -19.13
N LEU B 158 -21.10 -27.74 -20.30
CA LEU B 158 -20.40 -27.07 -21.40
C LEU B 158 -21.22 -25.96 -22.03
N VAL B 159 -22.52 -26.21 -22.21
CA VAL B 159 -23.39 -25.18 -22.78
C VAL B 159 -23.37 -23.94 -21.86
N THR B 160 -23.54 -24.14 -20.54
CA THR B 160 -23.53 -23.05 -19.55
C THR B 160 -22.17 -22.35 -19.57
N TYR B 161 -21.09 -23.15 -19.57
CA TYR B 161 -19.71 -22.62 -19.62
C TYR B 161 -19.52 -21.73 -20.86
N THR B 162 -19.99 -22.21 -22.03
CA THR B 162 -19.85 -21.47 -23.31
C THR B 162 -20.65 -20.15 -23.28
N LYS B 163 -21.87 -20.22 -22.75
CA LYS B 163 -22.78 -19.08 -22.64
C LYS B 163 -22.19 -18.04 -21.71
N ASN B 164 -21.43 -18.46 -20.69
CA ASN B 164 -20.80 -17.51 -19.76
C ASN B 164 -19.50 -16.92 -20.35
N LEU B 165 -18.61 -17.75 -20.91
CA LEU B 165 -17.33 -17.28 -21.40
C LEU B 165 -17.42 -16.43 -22.69
N GLY B 166 -18.26 -16.85 -23.65
CA GLY B 166 -18.44 -16.15 -24.93
C GLY B 166 -18.66 -14.66 -24.85
N PRO B 167 -19.69 -14.17 -24.10
CA PRO B 167 -19.93 -12.72 -24.01
C PRO B 167 -18.78 -11.99 -23.29
N GLY B 168 -18.19 -12.63 -22.28
CA GLY B 168 -17.06 -12.07 -21.52
C GLY B 168 -15.87 -11.83 -22.42
N MET B 169 -15.61 -12.77 -23.35
CA MET B 169 -14.56 -12.66 -24.34
C MET B 169 -14.81 -11.53 -25.33
N THR B 170 -16.09 -11.35 -25.73
CA THR B 170 -16.51 -10.28 -26.65
C THR B 170 -16.34 -8.93 -25.94
N LYS B 171 -16.66 -8.86 -24.64
CA LYS B 171 -16.52 -7.64 -23.82
C LYS B 171 -15.02 -7.25 -23.70
N MET B 172 -14.16 -8.23 -23.35
CA MET B 172 -12.71 -8.02 -23.26
C MET B 172 -12.12 -7.55 -24.61
N ALA B 173 -12.47 -8.21 -25.72
CA ALA B 173 -11.98 -7.82 -27.05
C ALA B 173 -12.35 -6.36 -27.40
N LYS B 174 -13.59 -5.94 -27.11
CA LYS B 174 -14.06 -4.59 -27.36
C LYS B 174 -13.24 -3.57 -26.53
N MET B 175 -12.99 -3.89 -25.25
CA MET B 175 -12.20 -3.03 -24.35
C MET B 175 -10.75 -2.89 -24.81
N ILE B 176 -10.13 -3.99 -25.28
CA ILE B 176 -8.73 -3.96 -25.74
C ILE B 176 -8.64 -3.18 -27.05
N ASP B 177 -9.58 -3.39 -27.99
CA ASP B 177 -9.62 -2.70 -29.29
C ASP B 177 -9.69 -1.18 -29.09
N GLU B 178 -10.58 -0.71 -28.19
CA GLU B 178 -10.77 0.71 -27.90
C GLU B 178 -9.54 1.31 -27.21
N ARG B 179 -8.93 0.55 -26.27
CA ARG B 179 -7.75 0.98 -25.52
C ARG B 179 -6.49 1.07 -26.38
N GLN B 180 -6.19 0.04 -27.21
CA GLN B 180 -4.98 0.06 -28.04
C GLN B 180 -4.94 1.30 -28.97
N GLN B 181 -6.12 1.78 -29.43
CA GLN B 181 -6.29 2.94 -30.32
C GLN B 181 -5.96 4.25 -29.61
N GLU B 182 -5.93 4.25 -28.27
CA GLU B 182 -5.64 5.41 -27.43
C GLU B 182 -4.16 5.53 -27.10
N LEU B 183 -3.39 4.43 -27.21
CA LEU B 183 -1.99 4.40 -26.80
C LEU B 183 -1.03 5.11 -27.75
N THR B 184 -0.06 5.82 -27.16
CA THR B 184 0.99 6.54 -27.90
C THR B 184 2.20 5.63 -28.19
N HIS B 185 2.41 4.58 -27.37
CA HIS B 185 3.50 3.61 -27.51
C HIS B 185 3.07 2.52 -28.51
N GLN B 186 3.52 2.65 -29.76
CA GLN B 186 3.15 1.74 -30.85
C GLN B 186 3.53 0.26 -30.60
N GLU B 187 4.67 -0.02 -29.94
CA GLU B 187 5.10 -1.41 -29.69
C GLU B 187 4.14 -2.14 -28.72
N HIS B 188 3.59 -1.39 -27.76
CA HIS B 188 2.65 -1.93 -26.79
C HIS B 188 1.30 -2.17 -27.46
N ARG B 189 0.93 -1.33 -28.46
CA ARG B 189 -0.32 -1.52 -29.22
C ARG B 189 -0.28 -2.86 -29.95
N VAL B 190 0.89 -3.19 -30.57
CA VAL B 190 1.11 -4.44 -31.30
C VAL B 190 1.00 -5.62 -30.32
N MET B 191 1.62 -5.52 -29.13
CA MET B 191 1.57 -6.58 -28.11
C MET B 191 0.12 -6.87 -27.68
N LEU B 192 -0.67 -5.82 -27.42
CA LEU B 192 -2.06 -5.96 -26.99
C LEU B 192 -2.93 -6.62 -28.03
N VAL B 193 -2.87 -6.14 -29.28
CA VAL B 193 -3.71 -6.67 -30.36
C VAL B 193 -3.31 -8.13 -30.64
N ASN B 194 -2.00 -8.46 -30.65
CA ASN B 194 -1.54 -9.83 -30.94
C ASN B 194 -1.95 -10.80 -29.82
N SER B 195 -1.85 -10.37 -28.56
CA SER B 195 -2.27 -11.21 -27.43
C SER B 195 -3.79 -11.45 -27.48
N MET B 196 -4.57 -10.41 -27.86
CA MET B 196 -6.03 -10.49 -27.97
C MET B 196 -6.41 -11.41 -29.13
N ASN B 197 -5.68 -11.36 -30.25
CA ASN B 197 -5.90 -12.24 -31.40
C ASN B 197 -5.69 -13.69 -31.00
N THR B 198 -4.65 -13.95 -30.17
CA THR B 198 -4.33 -15.31 -29.71
C THR B 198 -5.44 -15.85 -28.81
N VAL B 199 -5.87 -15.04 -27.82
CA VAL B 199 -6.95 -15.43 -26.88
C VAL B 199 -8.23 -15.72 -27.67
N LYS B 200 -8.63 -14.79 -28.58
CA LYS B 200 -9.84 -14.92 -29.41
C LYS B 200 -9.84 -16.21 -30.25
N GLU B 201 -8.71 -16.56 -30.86
CA GLU B 201 -8.61 -17.73 -31.72
C GLU B 201 -8.45 -19.03 -30.95
N LEU B 202 -7.96 -18.98 -29.71
CA LEU B 202 -7.83 -20.20 -28.91
C LEU B 202 -9.15 -20.57 -28.22
N LEU B 203 -10.10 -19.61 -28.11
CA LEU B 203 -11.41 -19.87 -27.49
C LEU B 203 -12.11 -21.04 -28.22
N PRO B 204 -12.30 -21.06 -29.57
CA PRO B 204 -12.95 -22.24 -30.19
C PRO B 204 -12.14 -23.53 -30.03
N VAL B 205 -10.80 -23.44 -29.93
CA VAL B 205 -9.91 -24.60 -29.72
C VAL B 205 -10.25 -25.19 -28.34
N LEU B 206 -10.38 -24.32 -27.33
CA LEU B 206 -10.74 -24.78 -25.99
C LEU B 206 -12.12 -25.44 -25.99
N ILE B 207 -13.11 -24.78 -26.60
CA ILE B 207 -14.51 -25.27 -26.60
C ILE B 207 -14.59 -26.63 -27.31
N SER B 208 -13.90 -26.76 -28.44
CA SER B 208 -13.84 -28.02 -29.22
C SER B 208 -13.23 -29.14 -28.39
N ALA B 209 -12.13 -28.86 -27.63
CA ALA B 209 -11.50 -29.89 -26.76
C ALA B 209 -12.42 -30.31 -25.61
N MET B 210 -13.12 -29.34 -25.00
CA MET B 210 -14.05 -29.66 -23.93
C MET B 210 -15.22 -30.47 -24.47
N LYS B 211 -15.70 -30.18 -25.71
CA LYS B 211 -16.82 -30.91 -26.30
C LYS B 211 -16.48 -32.37 -26.51
N ILE B 212 -15.26 -32.64 -26.98
CA ILE B 212 -14.79 -34.00 -27.16
C ILE B 212 -14.78 -34.69 -25.78
N PHE B 213 -14.23 -34.02 -24.77
CA PHE B 213 -14.12 -34.57 -23.42
C PHE B 213 -15.50 -34.89 -22.81
N VAL B 214 -16.48 -33.97 -22.94
CA VAL B 214 -17.78 -34.17 -22.29
C VAL B 214 -18.62 -35.22 -23.04
N THR B 215 -18.47 -35.35 -24.36
CA THR B 215 -19.29 -36.29 -25.14
C THR B 215 -18.71 -37.71 -25.17
N THR B 216 -17.49 -37.92 -24.59
CA THR B 216 -16.84 -39.24 -24.57
C THR B 216 -16.39 -39.64 -23.14
N LYS B 217 -16.84 -38.91 -22.10
CA LYS B 217 -16.45 -39.10 -20.69
C LYS B 217 -16.67 -40.55 -20.21
N ASN B 218 -15.58 -41.19 -19.73
CA ASN B 218 -15.48 -42.55 -19.16
C ASN B 218 -15.61 -43.68 -20.22
N SER B 219 -15.68 -43.34 -21.53
CA SER B 219 -15.83 -44.32 -22.61
C SER B 219 -14.47 -44.86 -23.10
N LYS B 220 -14.52 -45.68 -24.16
CA LYS B 220 -13.35 -46.29 -24.79
C LYS B 220 -12.91 -45.51 -26.06
N ASN B 221 -13.53 -44.32 -26.31
CA ASN B 221 -13.20 -43.43 -27.43
C ASN B 221 -11.71 -43.05 -27.34
N GLN B 222 -10.90 -43.42 -28.36
CA GLN B 222 -9.45 -43.21 -28.35
C GLN B 222 -8.99 -41.72 -28.30
N GLY B 223 -9.89 -40.77 -28.56
CA GLY B 223 -9.57 -39.34 -28.57
C GLY B 223 -9.58 -38.60 -27.25
N ILE B 224 -9.93 -39.29 -26.13
CA ILE B 224 -10.06 -38.71 -24.78
C ILE B 224 -8.77 -38.05 -24.25
N GLU B 225 -7.63 -38.81 -24.23
CA GLU B 225 -6.36 -38.31 -23.69
C GLU B 225 -5.87 -37.05 -24.40
N GLU B 226 -6.05 -37.00 -25.73
CA GLU B 226 -5.65 -35.85 -26.55
C GLU B 226 -6.55 -34.67 -26.28
N ALA B 227 -7.86 -34.92 -26.04
CA ALA B 227 -8.81 -33.83 -25.73
C ALA B 227 -8.44 -33.21 -24.39
N LEU B 228 -8.17 -34.06 -23.37
CA LEU B 228 -7.78 -33.64 -22.02
C LEU B 228 -6.52 -32.78 -22.06
N LYS B 229 -5.52 -33.21 -22.86
CA LYS B 229 -4.27 -32.47 -23.02
C LYS B 229 -4.52 -31.15 -23.76
N ASN B 230 -5.31 -31.18 -24.87
CA ASN B 230 -5.61 -29.95 -25.62
C ASN B 230 -6.35 -28.96 -24.72
N ARG B 231 -7.27 -29.45 -23.86
CA ARG B 231 -8.00 -28.55 -22.95
C ARG B 231 -7.00 -27.91 -21.93
N ASN B 232 -6.19 -28.71 -21.21
CA ASN B 232 -5.26 -28.19 -20.20
C ASN B 232 -4.21 -27.23 -20.79
N PHE B 233 -3.73 -27.55 -21.99
CA PHE B 233 -2.72 -26.71 -22.62
C PHE B 233 -3.30 -25.43 -23.24
N THR B 234 -4.54 -25.45 -23.75
CA THR B 234 -5.17 -24.23 -24.30
C THR B 234 -5.48 -23.29 -23.12
N VAL B 235 -5.94 -23.83 -21.97
CA VAL B 235 -6.18 -23.01 -20.76
C VAL B 235 -4.88 -22.29 -20.36
N GLU B 236 -3.75 -23.03 -20.37
CA GLU B 236 -2.45 -22.50 -20.00
C GLU B 236 -2.03 -21.38 -20.97
N LYS B 237 -2.14 -21.61 -22.30
CA LYS B 237 -1.73 -20.61 -23.30
C LYS B 237 -2.61 -19.37 -23.24
N MET B 238 -3.96 -19.55 -23.11
CA MET B 238 -4.87 -18.41 -23.02
C MET B 238 -4.58 -17.60 -21.77
N SER B 239 -4.33 -18.27 -20.64
CA SER B 239 -4.07 -17.63 -19.35
C SER B 239 -2.80 -16.80 -19.42
N ALA B 240 -1.75 -17.37 -20.05
CA ALA B 240 -0.47 -16.69 -20.23
C ALA B 240 -0.64 -15.41 -21.06
N GLU B 241 -1.47 -15.47 -22.10
CA GLU B 241 -1.76 -14.36 -22.99
C GLU B 241 -2.58 -13.26 -22.28
N ILE B 242 -3.56 -13.64 -21.45
CA ILE B 242 -4.39 -12.69 -20.70
C ILE B 242 -3.50 -12.00 -19.64
N ASN B 243 -2.58 -12.76 -19.00
CA ASN B 243 -1.66 -12.20 -18.01
C ASN B 243 -0.72 -11.21 -18.71
N GLU B 244 -0.34 -11.49 -19.97
CA GLU B 244 0.48 -10.59 -20.78
C GLU B 244 -0.27 -9.30 -21.09
N ILE B 245 -1.59 -9.39 -21.42
CA ILE B 245 -2.44 -8.23 -21.68
C ILE B 245 -2.49 -7.34 -20.41
N ILE B 246 -2.74 -7.94 -19.24
CA ILE B 246 -2.82 -7.22 -17.93
C ILE B 246 -1.50 -6.45 -17.69
N ARG B 247 -0.35 -7.11 -17.91
CA ARG B 247 0.99 -6.54 -17.76
C ARG B 247 1.18 -5.32 -18.68
N VAL B 248 0.84 -5.47 -19.99
CA VAL B 248 1.01 -4.39 -20.97
C VAL B 248 0.04 -3.24 -20.66
N LEU B 249 -1.20 -3.55 -20.24
CA LEU B 249 -2.18 -2.51 -19.92
C LEU B 249 -1.69 -1.58 -18.81
N GLN B 250 -0.92 -2.12 -17.83
CA GLN B 250 -0.39 -1.39 -16.67
C GLN B 250 0.84 -0.56 -17.03
N LEU B 251 1.62 -0.98 -18.06
CA LEU B 251 2.80 -0.24 -18.53
C LEU B 251 2.37 1.07 -19.17
N THR B 252 1.17 1.03 -19.80
CA THR B 252 0.55 2.12 -20.55
C THR B 252 -0.69 2.68 -19.83
N SER B 253 -0.77 2.54 -18.47
CA SER B 253 -1.89 3.04 -17.65
C SER B 253 -1.53 4.38 -17.00
N THR C 14 6.87 7.07 7.80
CA THR C 14 5.68 6.42 8.35
C THR C 14 5.64 6.54 9.87
N ALA C 15 4.48 6.23 10.49
CA ALA C 15 4.24 6.28 11.93
C ALA C 15 5.12 5.30 12.71
N LYS C 16 5.38 4.10 12.13
CA LYS C 16 6.23 3.05 12.70
C LYS C 16 7.68 3.55 12.75
N ARG C 17 8.19 4.10 11.62
CA ARG C 17 9.54 4.63 11.48
C ARG C 17 9.77 5.82 12.43
N GLN C 18 8.75 6.70 12.56
CA GLN C 18 8.79 7.88 13.43
C GLN C 18 8.86 7.47 14.90
N PHE C 19 8.06 6.46 15.31
CA PHE C 19 8.02 5.92 16.68
C PHE C 19 9.36 5.28 17.04
N VAL C 20 9.88 4.40 16.16
CA VAL C 20 11.14 3.68 16.34
C VAL C 20 12.30 4.68 16.43
N GLN C 21 12.35 5.69 15.53
CA GLN C 21 13.38 6.74 15.52
C GLN C 21 13.36 7.55 16.83
N SER C 22 12.16 7.82 17.37
CA SER C 22 11.95 8.53 18.64
C SER C 22 12.54 7.73 19.81
N ALA C 23 12.29 6.39 19.84
CA ALA C 23 12.79 5.48 20.87
C ALA C 23 14.31 5.40 20.80
N LYS C 24 14.86 5.31 19.56
CA LYS C 24 16.30 5.28 19.31
C LYS C 24 16.97 6.55 19.88
N GLU C 25 16.32 7.73 19.71
CA GLU C 25 16.82 9.01 20.21
C GLU C 25 16.90 9.05 21.74
N VAL C 26 15.89 8.45 22.42
CA VAL C 26 15.82 8.34 23.88
C VAL C 26 16.98 7.46 24.36
N ALA C 27 17.18 6.28 23.70
CA ALA C 27 18.24 5.34 24.04
C ALA C 27 19.62 5.99 23.88
N ASN C 28 19.85 6.69 22.75
CA ASN C 28 21.10 7.38 22.41
C ASN C 28 21.45 8.48 23.41
N SER C 29 20.47 9.35 23.75
CA SER C 29 20.69 10.43 24.70
C SER C 29 20.94 9.89 26.12
N THR C 30 20.23 8.82 26.52
CA THR C 30 20.40 8.18 27.83
C THR C 30 21.77 7.54 27.89
N ALA C 31 22.19 6.85 26.80
CA ALA C 31 23.52 6.23 26.72
C ALA C 31 24.61 7.28 26.94
N ASN C 32 24.51 8.45 26.28
CA ASN C 32 25.45 9.57 26.38
C ASN C 32 25.47 10.14 27.80
N LEU C 33 24.30 10.17 28.48
CA LEU C 33 24.22 10.63 29.86
C LEU C 33 24.90 9.63 30.81
N VAL C 34 24.63 8.32 30.66
CA VAL C 34 25.16 7.26 31.51
C VAL C 34 26.69 7.20 31.36
N LYS C 35 27.20 7.37 30.12
CA LYS C 35 28.62 7.40 29.78
C LYS C 35 29.29 8.60 30.48
N THR C 36 28.60 9.77 30.52
CA THR C 36 29.10 10.99 31.18
C THR C 36 29.15 10.78 32.72
N ILE C 37 28.13 10.11 33.32
CA ILE C 37 28.09 9.83 34.77
C ILE C 37 29.22 8.86 35.14
N LYS C 38 29.31 7.72 34.41
CA LYS C 38 30.25 6.62 34.59
C LYS C 38 31.72 7.03 34.41
N ALA C 39 31.99 8.02 33.52
CA ALA C 39 33.31 8.54 33.13
C ALA C 39 34.32 8.56 34.29
N LEU C 40 35.47 7.91 34.08
CA LEU C 40 36.53 7.85 35.07
C LEU C 40 37.61 8.88 34.76
N THR D 14 -20.81 8.77 -20.87
CA THR D 14 -20.89 10.23 -20.90
C THR D 14 -20.00 10.86 -19.80
N ALA D 15 -19.91 10.21 -18.61
CA ALA D 15 -19.10 10.68 -17.47
C ALA D 15 -17.61 10.85 -17.85
N LYS D 16 -17.08 9.95 -18.70
CA LYS D 16 -15.71 9.99 -19.18
C LYS D 16 -15.50 11.21 -20.09
N ARG D 17 -16.44 11.43 -21.04
CA ARG D 17 -16.41 12.55 -21.99
C ARG D 17 -16.55 13.89 -21.25
N GLN D 18 -17.41 13.95 -20.23
CA GLN D 18 -17.65 15.13 -19.40
C GLN D 18 -16.39 15.50 -18.59
N PHE D 19 -15.73 14.48 -18.00
CA PHE D 19 -14.50 14.65 -17.22
C PHE D 19 -13.36 15.17 -18.09
N VAL D 20 -13.14 14.52 -19.24
CA VAL D 20 -12.09 14.84 -20.22
C VAL D 20 -12.31 16.26 -20.76
N GLN D 21 -13.56 16.61 -21.14
CA GLN D 21 -13.94 17.95 -21.63
C GLN D 21 -13.65 19.03 -20.58
N SER D 22 -13.91 18.72 -19.28
CA SER D 22 -13.64 19.62 -18.16
C SER D 22 -12.13 19.89 -18.02
N ALA D 23 -11.29 18.82 -18.14
CA ALA D 23 -9.82 18.92 -18.08
C ALA D 23 -9.29 19.74 -19.26
N LYS D 24 -9.83 19.48 -20.47
CA LYS D 24 -9.50 20.21 -21.69
C LYS D 24 -9.75 21.72 -21.51
N GLU D 25 -10.88 22.09 -20.84
CA GLU D 25 -11.26 23.48 -20.56
C GLU D 25 -10.25 24.18 -19.63
N VAL D 26 -9.75 23.46 -18.62
CA VAL D 26 -8.73 23.93 -17.68
C VAL D 26 -7.42 24.19 -18.45
N ALA D 27 -7.00 23.23 -19.31
CA ALA D 27 -5.78 23.36 -20.11
C ALA D 27 -5.86 24.56 -21.06
N ASN D 28 -7.00 24.71 -21.77
CA ASN D 28 -7.30 25.80 -22.72
C ASN D 28 -7.28 27.19 -22.05
N SER D 29 -7.95 27.33 -20.90
CA SER D 29 -7.98 28.60 -20.16
C SER D 29 -6.59 28.96 -19.60
N THR D 30 -5.83 27.96 -19.11
CA THR D 30 -4.46 28.16 -18.60
C THR D 30 -3.56 28.56 -19.78
N ALA D 31 -3.70 27.90 -20.94
CA ALA D 31 -2.92 28.24 -22.15
C ALA D 31 -3.16 29.70 -22.54
N ASN D 32 -4.44 30.15 -22.51
CA ASN D 32 -4.86 31.52 -22.79
C ASN D 32 -4.19 32.49 -21.82
N LEU D 33 -4.17 32.13 -20.51
CA LEU D 33 -3.56 32.96 -19.49
C LEU D 33 -2.05 33.10 -19.71
N VAL D 34 -1.34 31.98 -20.00
CA VAL D 34 0.11 31.97 -20.21
C VAL D 34 0.48 32.80 -21.45
N LYS D 35 -0.34 32.70 -22.52
CA LYS D 35 -0.20 33.45 -23.76
C LYS D 35 -0.38 34.96 -23.49
N THR D 36 -1.33 35.33 -22.61
CA THR D 36 -1.60 36.72 -22.21
C THR D 36 -0.41 37.28 -21.39
N ILE D 37 0.20 36.46 -20.49
CA ILE D 37 1.36 36.89 -19.68
C ILE D 37 2.59 37.09 -20.59
N LYS D 38 2.89 36.09 -21.44
CA LYS D 38 4.02 36.03 -22.37
C LYS D 38 3.98 37.14 -23.45
N ALA D 39 2.78 37.58 -23.86
CA ALA D 39 2.50 38.59 -24.90
C ALA D 39 3.51 39.75 -24.92
#